data_3TFW
#
_entry.id   3TFW
#
_cell.length_a   85.285
_cell.length_b   95.305
_cell.length_c   56.275
_cell.angle_alpha   90.00
_cell.angle_beta   90.00
_cell.angle_gamma   90.00
#
_symmetry.space_group_name_H-M   'P 21 21 2'
#
loop_
_entity.id
_entity.type
_entity.pdbx_description
1 polymer 'Putative O-methyltransferase'
2 water water
#
_entity_poly.entity_id   1
_entity_poly.type   'polypeptide(L)'
_entity_poly.pdbx_seq_one_letter_code
;(MSE)V(MSE)GKRH(MSE)QQQWSAVDNYLIKALIPGDPVLDRVLENNHRAGLPAHDVAANQGQFLALLVRLTQAKRIL
EIGTLGGYSTIW(MSE)ARELPADGQLLTLEADAHHAQVARENLQLAGVDQRVTLREGPALQSLESLGECPAFDLIFIDA
DKPNNPHYLRWALRYSRPGTLIIGDNVVRDGEVVNPQSADERVQGVRQFIE(MSE)(MSE)GAEPRLTATALQTVGTKGW
DGFTLAWVNAAENLYFQSHHHHHHWSHPQFEK
;
_entity_poly.pdbx_strand_id   A,B
#
# COMPACT_ATOMS: atom_id res chain seq x y z
N HIS A 7 3.76 -1.63 22.14
CA HIS A 7 3.58 -0.99 23.49
C HIS A 7 3.15 0.48 23.37
N MSE A 8 4.07 1.33 22.92
CA MSE A 8 3.75 2.73 22.68
C MSE A 8 2.73 2.91 21.56
O MSE A 8 1.85 3.77 21.65
CB MSE A 8 5.01 3.56 22.40
CG MSE A 8 5.63 4.21 23.63
SE MSE A 8 4.55 5.71 24.32
CE MSE A 8 5.56 7.21 23.68
N GLN A 9 2.81 2.08 20.52
CA GLN A 9 1.91 2.19 19.37
C GLN A 9 0.43 2.03 19.71
N GLN A 10 0.09 1.01 20.49
CA GLN A 10 -1.30 0.81 20.95
C GLN A 10 -1.81 2.04 21.68
N GLN A 11 -0.96 2.65 22.50
CA GLN A 11 -1.30 3.88 23.20
C GLN A 11 -1.53 5.02 22.21
N TRP A 12 -0.61 5.22 21.28
CA TRP A 12 -0.77 6.27 20.27
C TRP A 12 -2.07 6.08 19.48
N SER A 13 -2.38 4.84 19.13
CA SER A 13 -3.60 4.51 18.38
C SER A 13 -4.84 4.78 19.23
N ALA A 14 -4.84 4.30 20.47
CA ALA A 14 -5.95 4.55 21.40
C ALA A 14 -6.27 6.03 21.54
N VAL A 15 -5.24 6.85 21.75
CA VAL A 15 -5.40 8.29 21.90
C VAL A 15 -5.97 8.91 20.61
N ASP A 16 -5.39 8.53 19.46
CA ASP A 16 -5.92 8.96 18.16
C ASP A 16 -7.39 8.60 18.00
N ASN A 17 -7.74 7.35 18.32
CA ASN A 17 -9.14 6.90 18.23
C ASN A 17 -10.09 7.76 19.06
N TYR A 18 -9.71 8.04 20.31
CA TYR A 18 -10.48 8.93 21.17
C TYR A 18 -10.60 10.33 20.56
N LEU A 19 -9.47 10.93 20.22
CA LEU A 19 -9.45 12.31 19.72
C LEU A 19 -10.27 12.46 18.44
N ILE A 20 -10.06 11.54 17.50
CA ILE A 20 -10.75 11.60 16.21
C ILE A 20 -12.27 11.41 16.34
N LYS A 21 -12.70 10.40 17.11
CA LYS A 21 -14.13 10.20 17.35
C LYS A 21 -14.80 11.39 18.02
N ALA A 22 -14.10 12.02 18.96
CA ALA A 22 -14.64 13.16 19.70
C ALA A 22 -14.79 14.42 18.84
N LEU A 23 -13.82 14.66 17.95
CA LEU A 23 -13.73 15.95 17.25
C LEU A 23 -14.18 15.97 15.79
N ILE A 24 -13.92 14.88 15.07
CA ILE A 24 -14.14 14.86 13.63
C ILE A 24 -15.38 14.04 13.22
N PRO A 25 -16.32 14.67 12.51
CA PRO A 25 -17.55 13.93 12.17
C PRO A 25 -17.30 12.83 11.15
N GLY A 26 -18.12 11.78 11.21
CA GLY A 26 -18.03 10.69 10.23
C GLY A 26 -18.28 11.22 8.83
N ASP A 27 -17.60 10.64 7.86
CA ASP A 27 -17.75 11.10 6.49
C ASP A 27 -17.79 9.91 5.55
N PRO A 28 -18.98 9.64 4.97
CA PRO A 28 -19.22 8.50 4.07
C PRO A 28 -18.35 8.54 2.82
N VAL A 29 -18.19 9.71 2.21
CA VAL A 29 -17.35 9.82 1.01
C VAL A 29 -15.87 9.57 1.28
N LEU A 30 -15.35 10.14 2.38
CA LEU A 30 -13.95 9.90 2.75
C LEU A 30 -13.69 8.43 3.08
N ASP A 31 -14.64 7.80 3.75
CA ASP A 31 -14.58 6.35 4.02
C ASP A 31 -14.44 5.59 2.71
N ARG A 32 -15.27 5.95 1.73
CA ARG A 32 -15.29 5.27 0.44
C ARG A 32 -13.99 5.52 -0.35
N VAL A 33 -13.47 6.74 -0.27
CA VAL A 33 -12.18 7.07 -0.90
C VAL A 33 -11.08 6.13 -0.41
N LEU A 34 -11.01 5.92 0.90
CA LEU A 34 -9.99 5.06 1.50
C LEU A 34 -10.22 3.59 1.12
N GLU A 35 -11.48 3.17 1.10
CA GLU A 35 -11.85 1.82 0.65
C GLU A 35 -11.37 1.57 -0.79
N ASN A 36 -11.58 2.57 -1.65
CA ASN A 36 -11.12 2.53 -3.05
C ASN A 36 -9.61 2.39 -3.18
N ASN A 37 -8.88 3.18 -2.38
CA ASN A 37 -7.41 3.12 -2.37
C ASN A 37 -6.88 1.73 -2.02
N HIS A 38 -7.44 1.16 -0.96
CA HIS A 38 -7.04 -0.17 -0.50
C HIS A 38 -7.39 -1.24 -1.52
N ARG A 39 -8.62 -1.19 -2.03
CA ARG A 39 -9.07 -2.09 -3.09
C ARG A 39 -8.14 -2.04 -4.31
N ALA A 40 -7.70 -0.85 -4.70
CA ALA A 40 -6.75 -0.71 -5.80
C ALA A 40 -5.34 -1.15 -5.46
N GLY A 41 -5.09 -1.52 -4.20
CA GLY A 41 -3.77 -2.01 -3.81
C GLY A 41 -2.68 -0.94 -3.70
N LEU A 42 -3.09 0.30 -3.48
CA LEU A 42 -2.15 1.41 -3.35
C LEU A 42 -1.33 1.24 -2.07
N PRO A 43 -0.07 1.75 -2.06
CA PRO A 43 0.60 1.84 -0.76
C PRO A 43 -0.26 2.69 0.19
N ALA A 44 -0.35 2.25 1.45
CA ALA A 44 -1.18 2.93 2.43
C ALA A 44 -0.41 4.10 3.02
N HIS A 45 -0.30 5.16 2.23
CA HIS A 45 0.42 6.37 2.63
C HIS A 45 -0.54 7.52 2.89
N ASP A 46 -1.83 7.20 3.01
CA ASP A 46 -2.85 8.21 3.29
C ASP A 46 -2.60 8.83 4.67
N VAL A 47 -2.87 10.13 4.82
CA VAL A 47 -2.83 10.76 6.14
C VAL A 47 -3.97 10.26 7.03
N ALA A 48 -3.77 10.32 8.34
CA ALA A 48 -4.83 10.03 9.30
C ALA A 48 -5.88 11.16 9.26
N ALA A 49 -7.11 10.89 9.70
CA ALA A 49 -8.19 11.86 9.60
C ALA A 49 -7.88 13.19 10.31
N ASN A 50 -7.16 13.12 11.43
CA ASN A 50 -6.83 14.35 12.17
C ASN A 50 -5.80 15.20 11.41
N GLN A 51 -4.92 14.53 10.67
CA GLN A 51 -3.96 15.23 9.82
C GLN A 51 -4.66 15.87 8.63
N GLY A 52 -5.60 15.15 8.02
CA GLY A 52 -6.44 15.73 6.97
C GLY A 52 -7.19 16.98 7.42
N GLN A 53 -7.81 16.90 8.58
CA GLN A 53 -8.55 18.05 9.12
C GLN A 53 -7.61 19.23 9.37
N PHE A 54 -6.41 18.94 9.83
CA PHE A 54 -5.37 19.94 10.01
C PHE A 54 -5.06 20.67 8.68
N LEU A 55 -4.85 19.91 7.61
CA LEU A 55 -4.63 20.49 6.28
C LEU A 55 -5.81 21.35 5.85
N ALA A 56 -7.02 20.89 6.12
CA ALA A 56 -8.22 21.63 5.79
C ALA A 56 -8.21 22.95 6.55
N LEU A 57 -7.81 22.93 7.82
CA LEU A 57 -7.74 24.19 8.59
C LEU A 57 -6.66 25.14 8.06
N LEU A 58 -5.56 24.59 7.57
CA LEU A 58 -4.54 25.40 6.91
C LEU A 58 -5.06 26.11 5.65
N VAL A 59 -5.93 25.45 4.89
CA VAL A 59 -6.60 26.09 3.76
C VAL A 59 -7.44 27.28 4.24
N ARG A 60 -8.23 27.07 5.28
CA ARG A 60 -9.04 28.16 5.85
C ARG A 60 -8.19 29.32 6.36
N LEU A 61 -7.08 29.00 7.04
CA LEU A 61 -6.20 30.02 7.63
C LEU A 61 -5.49 30.86 6.57
N THR A 62 -5.08 30.21 5.48
CA THR A 62 -4.45 30.93 4.39
C THR A 62 -5.47 31.61 3.47
N GLN A 63 -6.76 31.31 3.67
CA GLN A 63 -7.81 31.73 2.75
C GLN A 63 -7.40 31.37 1.31
N ALA A 64 -6.85 30.17 1.14
CA ALA A 64 -6.28 29.76 -0.14
C ALA A 64 -7.32 29.76 -1.25
N LYS A 65 -6.92 30.26 -2.41
CA LYS A 65 -7.68 30.11 -3.66
C LYS A 65 -6.87 29.28 -4.64
N ARG A 66 -5.57 29.14 -4.38
CA ARG A 66 -4.66 28.39 -5.25
C ARG A 66 -3.81 27.47 -4.39
N ILE A 67 -3.92 26.17 -4.63
CA ILE A 67 -3.17 25.17 -3.89
C ILE A 67 -2.35 24.33 -4.86
N LEU A 68 -1.12 24.01 -4.47
CA LEU A 68 -0.30 23.04 -5.20
C LEU A 68 -0.02 21.83 -4.30
N GLU A 69 -0.28 20.64 -4.81
CA GLU A 69 0.04 19.41 -4.09
C GLU A 69 0.98 18.55 -4.92
N ILE A 70 2.12 18.19 -4.33
CA ILE A 70 3.07 17.32 -5.01
C ILE A 70 2.96 15.89 -4.42
N GLY A 71 2.33 14.99 -5.18
CA GLY A 71 2.12 13.60 -4.77
C GLY A 71 0.65 13.34 -4.42
N THR A 72 -0.14 13.05 -5.44
CA THR A 72 -1.59 12.83 -5.28
C THR A 72 -1.95 11.54 -4.53
N LEU A 73 -1.22 10.46 -4.82
CA LEU A 73 -1.60 9.11 -4.42
C LEU A 73 -3.05 8.85 -4.87
N GLY A 74 -3.96 8.60 -3.94
CA GLY A 74 -5.36 8.31 -4.27
C GLY A 74 -6.26 9.53 -4.12
N GLY A 75 -5.66 10.66 -3.78
CA GLY A 75 -6.40 11.91 -3.66
C GLY A 75 -7.07 12.11 -2.30
N TYR A 76 -6.66 11.36 -1.28
CA TYR A 76 -7.29 11.54 0.05
C TYR A 76 -6.98 12.93 0.63
N SER A 77 -5.70 13.28 0.66
CA SER A 77 -5.32 14.61 1.16
C SER A 77 -5.86 15.71 0.26
N THR A 78 -5.89 15.42 -1.04
CA THR A 78 -6.40 16.34 -2.04
C THR A 78 -7.83 16.73 -1.69
N ILE A 79 -8.64 15.76 -1.34
CA ILE A 79 -10.04 16.02 -1.04
C ILE A 79 -10.23 16.85 0.22
N TRP A 80 -9.46 16.54 1.27
CA TRP A 80 -9.49 17.33 2.51
C TRP A 80 -9.23 18.81 2.21
N MSE A 81 -8.23 19.06 1.37
CA MSE A 81 -7.89 20.43 1.03
C MSE A 81 -8.89 21.05 0.09
O MSE A 81 -9.36 22.16 0.35
CB MSE A 81 -6.45 20.52 0.49
CG MSE A 81 -5.43 20.26 1.60
SE MSE A 81 -3.62 20.51 0.94
CE MSE A 81 -3.49 18.86 -0.11
N ALA A 82 -9.25 20.33 -0.98
CA ALA A 82 -10.10 20.89 -2.04
C ALA A 82 -11.50 21.30 -1.57
N ARG A 83 -12.06 20.56 -0.61
CA ARG A 83 -13.37 20.92 -0.05
C ARG A 83 -13.42 22.32 0.57
N GLU A 84 -12.27 22.82 0.98
CA GLU A 84 -12.21 24.12 1.65
C GLU A 84 -11.98 25.28 0.71
N LEU A 85 -11.79 25.00 -0.59
CA LEU A 85 -11.63 26.04 -1.59
C LEU A 85 -12.94 26.77 -1.88
N PRO A 86 -12.86 28.08 -2.17
CA PRO A 86 -14.02 28.81 -2.68
C PRO A 86 -14.44 28.29 -4.06
N ALA A 87 -15.58 28.75 -4.56
CA ALA A 87 -16.09 28.34 -5.88
C ALA A 87 -15.12 28.61 -7.04
N ASP A 88 -14.30 29.64 -6.92
CA ASP A 88 -13.31 29.98 -7.97
C ASP A 88 -11.90 29.45 -7.65
N GLY A 89 -11.80 28.62 -6.62
CA GLY A 89 -10.52 28.07 -6.16
C GLY A 89 -10.03 26.95 -7.05
N GLN A 90 -8.70 26.75 -7.04
CA GLN A 90 -8.08 25.69 -7.82
C GLN A 90 -7.03 24.99 -7.02
N LEU A 91 -6.98 23.66 -7.18
CA LEU A 91 -5.92 22.86 -6.60
C LEU A 91 -5.26 22.06 -7.72
N LEU A 92 -3.98 22.30 -7.90
CA LEU A 92 -3.21 21.54 -8.90
C LEU A 92 -2.50 20.41 -8.16
N THR A 93 -2.71 19.17 -8.59
CA THR A 93 -2.08 18.05 -7.92
C THR A 93 -1.30 17.20 -8.93
N LEU A 94 -0.11 16.79 -8.53
CA LEU A 94 0.82 16.11 -9.43
C LEU A 94 1.05 14.68 -9.02
N GLU A 95 0.88 13.76 -9.97
CA GLU A 95 1.04 12.33 -9.73
C GLU A 95 1.78 11.69 -10.90
N ALA A 96 2.85 10.97 -10.59
CA ALA A 96 3.67 10.30 -11.61
C ALA A 96 3.13 8.93 -12.04
N ASP A 97 2.49 8.23 -11.10
CA ASP A 97 2.07 6.85 -11.33
C ASP A 97 0.70 6.79 -12.01
N ALA A 98 0.65 6.09 -13.15
CA ALA A 98 -0.56 6.04 -13.96
C ALA A 98 -1.74 5.38 -13.22
N HIS A 99 -1.45 4.30 -12.51
CA HIS A 99 -2.46 3.60 -11.71
C HIS A 99 -2.96 4.46 -10.54
N HIS A 100 -2.05 5.16 -9.84
CA HIS A 100 -2.49 6.09 -8.79
C HIS A 100 -3.36 7.20 -9.39
N ALA A 101 -2.93 7.76 -10.53
CA ALA A 101 -3.70 8.83 -11.16
C ALA A 101 -5.12 8.39 -11.50
N GLN A 102 -5.25 7.16 -12.02
CA GLN A 102 -6.55 6.58 -12.35
C GLN A 102 -7.47 6.49 -11.11
N VAL A 103 -6.92 5.95 -10.03
CA VAL A 103 -7.67 5.83 -8.78
C VAL A 103 -8.06 7.21 -8.23
N ALA A 104 -7.08 8.11 -8.22
CA ALA A 104 -7.33 9.49 -7.76
C ALA A 104 -8.45 10.19 -8.54
N ARG A 105 -8.46 10.01 -9.86
CA ARG A 105 -9.48 10.62 -10.74
C ARG A 105 -10.88 10.19 -10.30
N GLU A 106 -11.02 8.90 -10.04
CA GLU A 106 -12.28 8.35 -9.57
C GLU A 106 -12.71 8.90 -8.22
N ASN A 107 -11.75 9.05 -7.30
CA ASN A 107 -12.05 9.59 -5.97
C ASN A 107 -12.41 11.07 -5.97
N LEU A 108 -11.75 11.83 -6.85
CA LEU A 108 -12.05 13.25 -7.03
C LEU A 108 -13.49 13.45 -7.51
N GLN A 109 -13.92 12.59 -8.43
CA GLN A 109 -15.26 12.67 -8.98
C GLN A 109 -16.29 12.28 -7.92
N LEU A 110 -16.03 11.17 -7.24
CA LEU A 110 -16.88 10.67 -6.16
C LEU A 110 -17.11 11.73 -5.08
N ALA A 111 -16.05 12.46 -4.74
CA ALA A 111 -16.09 13.47 -3.69
C ALA A 111 -16.63 14.82 -4.16
N GLY A 112 -16.87 14.96 -5.47
CA GLY A 112 -17.44 16.19 -6.01
C GLY A 112 -16.51 17.39 -6.04
N VAL A 113 -15.21 17.14 -6.16
CA VAL A 113 -14.19 18.21 -6.17
C VAL A 113 -13.47 18.26 -7.50
N ASP A 114 -13.96 17.51 -8.49
CA ASP A 114 -13.22 17.36 -9.72
C ASP A 114 -13.24 18.59 -10.63
N GLN A 115 -14.10 19.57 -10.32
CA GLN A 115 -14.11 20.85 -11.03
C GLN A 115 -13.04 21.81 -10.48
N ARG A 116 -12.77 21.73 -9.18
CA ARG A 116 -11.77 22.57 -8.52
C ARG A 116 -10.34 22.04 -8.67
N VAL A 117 -10.24 20.72 -8.82
CA VAL A 117 -8.94 20.06 -8.87
C VAL A 117 -8.51 19.78 -10.29
N THR A 118 -7.25 20.11 -10.58
CA THR A 118 -6.61 19.71 -11.82
C THR A 118 -5.52 18.69 -11.51
N LEU A 119 -5.67 17.50 -12.06
CA LEU A 119 -4.72 16.42 -11.86
C LEU A 119 -3.83 16.29 -13.08
N ARG A 120 -2.54 16.54 -12.89
CA ARG A 120 -1.56 16.41 -13.97
C ARG A 120 -0.67 15.21 -13.74
N GLU A 121 -0.86 14.20 -14.58
CA GLU A 121 -0.14 12.94 -14.51
C GLU A 121 1.17 13.03 -15.29
N GLY A 122 2.24 12.54 -14.69
CA GLY A 122 3.59 12.60 -15.28
C GLY A 122 4.61 12.92 -14.20
N PRO A 123 5.91 12.89 -14.54
CA PRO A 123 6.96 13.29 -13.61
C PRO A 123 6.65 14.67 -13.03
N ALA A 124 6.64 14.77 -11.70
CA ALA A 124 6.28 16.03 -11.04
C ALA A 124 7.15 17.20 -11.52
N LEU A 125 8.44 16.94 -11.71
CA LEU A 125 9.36 18.00 -12.15
C LEU A 125 9.05 18.47 -13.55
N GLN A 126 8.63 17.56 -14.42
CA GLN A 126 8.21 17.92 -15.76
C GLN A 126 7.01 18.86 -15.69
N SER A 127 6.05 18.53 -14.84
CA SER A 127 4.86 19.37 -14.68
C SER A 127 5.21 20.75 -14.12
N LEU A 128 6.08 20.78 -13.10
CA LEU A 128 6.53 22.05 -12.51
C LEU A 128 7.27 22.93 -13.51
N GLU A 129 8.11 22.31 -14.35
CA GLU A 129 8.85 23.02 -15.39
C GLU A 129 7.93 23.63 -16.46
N SER A 130 6.72 23.09 -16.60
CA SER A 130 5.75 23.51 -17.62
C SER A 130 4.74 24.57 -17.16
N LEU A 131 4.85 25.02 -15.92
CA LEU A 131 3.88 25.97 -15.36
C LEU A 131 3.94 27.36 -16.00
N GLY A 132 5.12 27.79 -16.41
CA GLY A 132 5.30 29.09 -17.06
C GLY A 132 4.92 30.23 -16.13
N GLU A 133 4.23 31.24 -16.65
CA GLU A 133 3.88 32.43 -15.86
C GLU A 133 2.61 32.25 -15.01
N CYS A 134 2.58 31.16 -14.24
CA CYS A 134 1.51 30.81 -13.32
C CYS A 134 1.50 31.77 -12.13
N PRO A 135 0.31 32.23 -11.69
CA PRO A 135 0.23 32.98 -10.44
C PRO A 135 0.76 32.15 -9.26
N ALA A 136 1.26 32.83 -8.23
CA ALA A 136 1.70 32.15 -6.99
C ALA A 136 0.58 31.31 -6.36
N PHE A 137 0.97 30.21 -5.71
CA PHE A 137 0.04 29.41 -4.91
C PHE A 137 0.02 29.93 -3.47
N ASP A 138 -1.12 29.75 -2.79
CA ASP A 138 -1.28 30.22 -1.42
C ASP A 138 -0.85 29.18 -0.40
N LEU A 139 -0.96 27.93 -0.80
CA LEU A 139 -0.60 26.80 0.03
C LEU A 139 0.02 25.72 -0.84
N ILE A 140 1.15 25.19 -0.39
CA ILE A 140 1.88 24.20 -1.17
C ILE A 140 2.18 23.01 -0.27
N PHE A 141 1.74 21.83 -0.69
CA PHE A 141 1.92 20.60 0.08
C PHE A 141 2.87 19.67 -0.64
N ILE A 142 3.98 19.32 0.02
CA ILE A 142 4.99 18.47 -0.60
C ILE A 142 5.05 17.11 0.08
N ASP A 143 4.71 16.06 -0.68
CA ASP A 143 4.81 14.69 -0.20
C ASP A 143 4.86 13.67 -1.34
N ALA A 144 5.95 13.70 -2.11
CA ALA A 144 6.16 12.73 -3.19
C ALA A 144 7.47 11.96 -2.98
N ASP A 145 8.24 11.84 -4.06
CA ASP A 145 9.55 11.21 -4.03
C ASP A 145 10.57 12.08 -3.28
N LYS A 146 10.92 11.59 -2.09
CA LYS A 146 11.78 12.31 -1.19
C LYS A 146 13.15 12.70 -1.75
N PRO A 147 13.79 11.84 -2.59
CA PRO A 147 15.12 12.24 -3.07
C PRO A 147 15.12 13.60 -3.76
N ASN A 148 14.02 13.95 -4.43
CA ASN A 148 13.89 15.23 -5.14
C ASN A 148 13.22 16.36 -4.35
N ASN A 149 13.00 16.13 -3.06
CA ASN A 149 12.51 17.19 -2.17
C ASN A 149 13.17 18.57 -2.35
N PRO A 150 14.51 18.64 -2.43
CA PRO A 150 15.07 19.99 -2.54
C PRO A 150 14.66 20.68 -3.84
N HIS A 151 14.48 19.90 -4.92
CA HIS A 151 14.00 20.46 -6.19
C HIS A 151 12.57 20.96 -6.09
N TYR A 152 11.74 20.22 -5.38
CA TYR A 152 10.37 20.62 -5.12
C TYR A 152 10.31 21.94 -4.34
N LEU A 153 11.21 22.09 -3.35
CA LEU A 153 11.27 23.33 -2.59
C LEU A 153 11.65 24.54 -3.45
N ARG A 154 12.59 24.34 -4.37
CA ARG A 154 13.00 25.41 -5.29
C ARG A 154 11.81 25.89 -6.13
N TRP A 155 11.08 24.94 -6.73
CA TRP A 155 9.87 25.26 -7.50
C TRP A 155 8.76 25.87 -6.62
N ALA A 156 8.62 25.37 -5.41
CA ALA A 156 7.63 25.92 -4.45
C ALA A 156 7.93 27.40 -4.22
N LEU A 157 9.21 27.72 -4.03
CA LEU A 157 9.60 29.10 -3.77
C LEU A 157 9.35 29.99 -4.99
N ARG A 158 9.62 29.45 -6.17
CA ARG A 158 9.36 30.16 -7.42
C ARG A 158 7.88 30.52 -7.54
N TYR A 159 6.99 29.63 -7.13
CA TYR A 159 5.55 29.87 -7.25
C TYR A 159 4.88 30.21 -5.92
N SER A 160 5.57 31.05 -5.14
CA SER A 160 5.08 31.52 -3.83
C SER A 160 4.89 33.03 -3.85
N ARG A 161 4.13 33.52 -2.87
CA ARG A 161 3.98 34.96 -2.58
C ARG A 161 4.22 35.15 -1.08
N PRO A 162 4.43 36.40 -0.63
CA PRO A 162 4.55 36.56 0.82
C PRO A 162 3.29 36.06 1.52
N GLY A 163 3.48 35.18 2.51
CA GLY A 163 2.38 34.59 3.26
C GLY A 163 1.96 33.20 2.80
N THR A 164 2.52 32.75 1.69
CA THR A 164 2.33 31.37 1.21
C THR A 164 2.84 30.44 2.30
N LEU A 165 2.11 29.35 2.50
CA LEU A 165 2.51 28.33 3.44
C LEU A 165 2.96 27.09 2.68
N ILE A 166 4.16 26.61 3.00
CA ILE A 166 4.70 25.41 2.40
C ILE A 166 4.76 24.31 3.45
N ILE A 167 4.13 23.17 3.17
CA ILE A 167 4.15 22.03 4.10
C ILE A 167 4.94 20.88 3.49
N GLY A 168 5.88 20.32 4.26
CA GLY A 168 6.62 19.14 3.82
C GLY A 168 6.33 17.96 4.73
N ASP A 169 5.65 16.94 4.20
CA ASP A 169 5.23 15.79 5.06
C ASP A 169 6.27 14.68 5.04
N ASN A 170 6.25 13.87 6.10
CA ASN A 170 7.05 12.64 6.17
C ASN A 170 8.56 12.87 6.15
N VAL A 171 9.03 13.73 7.04
CA VAL A 171 10.43 14.13 7.06
C VAL A 171 11.31 13.40 8.08
N VAL A 172 10.70 12.63 8.97
CA VAL A 172 11.43 12.01 10.09
C VAL A 172 12.16 10.72 9.69
N ARG A 173 11.56 9.95 8.77
CA ARG A 173 12.18 8.73 8.22
C ARG A 173 12.57 7.72 9.31
N ASP A 174 11.66 7.52 10.27
CA ASP A 174 11.88 6.63 11.42
C ASP A 174 13.17 6.95 12.22
N GLY A 175 13.51 8.24 12.27
CA GLY A 175 14.70 8.69 12.99
C GLY A 175 15.94 8.86 12.14
N GLU A 176 15.95 8.29 10.93
CA GLU A 176 17.12 8.33 10.06
C GLU A 176 17.49 9.70 9.52
N VAL A 177 16.55 10.65 9.61
CA VAL A 177 16.84 12.03 9.21
C VAL A 177 18.08 12.61 9.91
N VAL A 178 18.42 12.09 11.09
CA VAL A 178 19.58 12.60 11.85
C VAL A 178 20.92 12.01 11.35
N ASN A 179 20.84 10.95 10.55
CA ASN A 179 22.01 10.21 10.06
C ASN A 179 22.69 10.89 8.86
N PRO A 180 23.85 11.54 9.09
CA PRO A 180 24.54 12.31 8.06
C PRO A 180 25.22 11.46 6.98
N GLN A 181 25.29 10.15 7.20
CA GLN A 181 25.95 9.25 6.27
C GLN A 181 25.03 8.16 5.74
N SER A 182 23.71 8.40 5.77
CA SER A 182 22.72 7.45 5.30
C SER A 182 22.93 7.12 3.82
N ALA A 183 22.74 5.85 3.47
CA ALA A 183 22.86 5.42 2.08
C ALA A 183 21.52 5.53 1.36
N ASP A 184 20.51 6.00 2.10
CA ASP A 184 19.12 6.08 1.63
C ASP A 184 18.91 7.43 0.96
N GLU A 185 18.66 7.42 -0.36
CA GLU A 185 18.47 8.67 -1.11
C GLU A 185 17.31 9.51 -0.60
N ARG A 186 16.33 8.85 0.04
CA ARG A 186 15.16 9.53 0.62
C ARG A 186 15.57 10.33 1.85
N VAL A 187 16.44 9.76 2.66
CA VAL A 187 17.08 10.48 3.78
C VAL A 187 17.97 11.63 3.30
N GLN A 188 18.77 11.39 2.28
CA GLN A 188 19.62 12.43 1.71
C GLN A 188 18.77 13.63 1.22
N GLY A 189 17.70 13.32 0.49
CA GLY A 189 16.79 14.34 -0.05
C GLY A 189 16.12 15.17 1.03
N VAL A 190 15.61 14.49 2.06
CA VAL A 190 14.96 15.16 3.20
C VAL A 190 15.94 16.08 3.95
N ARG A 191 17.18 15.61 4.14
CA ARG A 191 18.19 16.40 4.85
C ARG A 191 18.59 17.65 4.06
N GLN A 192 18.76 17.48 2.75
CA GLN A 192 19.03 18.59 1.83
C GLN A 192 17.90 19.62 1.88
N PHE A 193 16.66 19.12 1.84
CA PHE A 193 15.41 19.89 1.94
C PHE A 193 15.35 20.74 3.22
N ILE A 194 15.53 20.09 4.37
CA ILE A 194 15.51 20.78 5.66
C ILE A 194 16.63 21.83 5.76
N GLU A 195 17.83 21.46 5.35
CA GLU A 195 18.97 22.38 5.37
C GLU A 195 18.80 23.58 4.43
N MSE A 196 18.29 23.32 3.22
CA MSE A 196 17.96 24.38 2.26
C MSE A 196 16.95 25.33 2.88
O MSE A 196 17.09 26.56 2.80
CB MSE A 196 17.39 23.74 0.99
CG MSE A 196 17.05 24.69 -0.13
SE MSE A 196 16.19 23.79 -1.67
CE MSE A 196 15.45 25.37 -2.52
N MSE A 197 15.92 24.76 3.51
CA MSE A 197 14.86 25.54 4.14
C MSE A 197 15.41 26.44 5.25
O MSE A 197 15.08 27.62 5.32
CB MSE A 197 13.79 24.59 4.68
CG MSE A 197 12.62 25.24 5.41
SE MSE A 197 11.20 23.91 5.74
CE MSE A 197 10.93 23.45 3.87
N GLY A 198 16.26 25.87 6.11
CA GLY A 198 16.85 26.61 7.21
C GLY A 198 17.75 27.76 6.80
N ALA A 199 18.37 27.63 5.62
CA ALA A 199 19.33 28.62 5.12
C ALA A 199 18.70 29.66 4.20
N GLU A 200 17.41 29.50 3.93
CA GLU A 200 16.67 30.40 3.05
C GLU A 200 16.02 31.55 3.84
N PRO A 201 16.53 32.80 3.67
CA PRO A 201 15.94 33.94 4.40
C PRO A 201 14.49 34.24 4.01
N ARG A 202 14.07 33.83 2.82
CA ARG A 202 12.69 34.01 2.39
C ARG A 202 11.71 33.08 3.12
N LEU A 203 12.23 32.18 3.97
CA LEU A 203 11.39 31.27 4.75
C LEU A 203 11.55 31.43 6.27
N THR A 204 10.43 31.36 6.99
CA THR A 204 10.44 31.19 8.44
C THR A 204 9.79 29.82 8.71
N ALA A 205 10.58 28.89 9.22
CA ALA A 205 10.15 27.50 9.27
C ALA A 205 10.25 26.86 10.65
N THR A 206 9.43 25.84 10.85
CA THR A 206 9.52 24.97 12.02
C THR A 206 9.18 23.55 11.56
N ALA A 207 9.30 22.60 12.48
CA ALA A 207 8.91 21.23 12.20
C ALA A 207 8.33 20.64 13.48
N LEU A 208 7.33 19.76 13.33
CA LEU A 208 6.77 19.05 14.48
C LEU A 208 6.83 17.55 14.23
N GLN A 209 7.35 16.82 15.22
CA GLN A 209 7.24 15.36 15.21
C GLN A 209 5.87 14.96 15.72
N THR A 210 5.28 13.95 15.09
CA THR A 210 3.94 13.51 15.45
C THR A 210 3.93 12.01 15.73
N VAL A 211 2.95 11.58 16.53
CA VAL A 211 2.62 10.16 16.64
C VAL A 211 1.12 9.97 16.49
N GLY A 212 0.67 8.72 16.42
CA GLY A 212 -0.74 8.43 16.19
C GLY A 212 -0.86 7.11 15.46
N THR A 213 -2.01 6.86 14.85
CA THR A 213 -2.25 5.58 14.14
C THR A 213 -1.26 5.29 13.00
N LYS A 214 -0.62 6.34 12.49
CA LYS A 214 0.33 6.20 11.39
C LYS A 214 1.76 6.09 11.88
N GLY A 215 1.93 5.95 13.19
CA GLY A 215 3.24 5.75 13.77
C GLY A 215 3.99 7.06 13.99
N TRP A 216 5.30 6.95 14.17
CA TRP A 216 6.16 8.11 14.43
C TRP A 216 6.63 8.77 13.14
N ASP A 217 6.29 10.04 12.98
CA ASP A 217 6.75 10.80 11.81
C ASP A 217 6.78 12.28 12.12
N GLY A 218 6.75 13.11 11.09
CA GLY A 218 6.80 14.55 11.31
C GLY A 218 6.68 15.33 10.03
N PHE A 219 6.51 16.64 10.17
CA PHE A 219 6.31 17.51 9.03
C PHE A 219 6.96 18.89 9.25
N THR A 220 7.30 19.56 8.16
CA THR A 220 7.76 20.94 8.22
C THR A 220 6.65 21.89 7.82
N LEU A 221 6.73 23.11 8.34
CA LEU A 221 5.79 24.16 8.02
C LEU A 221 6.63 25.41 7.85
N ALA A 222 6.50 26.08 6.69
CA ALA A 222 7.33 27.25 6.39
C ALA A 222 6.44 28.37 5.83
N TRP A 223 6.63 29.58 6.36
CA TRP A 223 5.94 30.77 5.90
C TRP A 223 6.90 31.52 4.99
N VAL A 224 6.40 31.97 3.84
CA VAL A 224 7.20 32.72 2.88
C VAL A 224 7.20 34.20 3.25
N ASN A 225 8.40 34.73 3.48
CA ASN A 225 8.59 36.14 3.85
C ASN A 225 8.67 37.01 2.60
N ALA A 226 8.22 38.25 2.73
CA ALA A 226 8.44 39.28 1.70
C ALA A 226 9.94 39.58 1.57
N ALA A 227 10.41 39.71 0.34
CA ALA A 227 11.84 39.95 0.06
C ALA A 227 12.22 41.41 0.30
N HIS B 7 -22.03 0.80 -8.15
CA HIS B 7 -23.21 0.08 -7.59
C HIS B 7 -22.87 -1.38 -7.30
N MSE B 8 -22.34 -2.09 -8.30
CA MSE B 8 -21.98 -3.51 -8.17
C MSE B 8 -21.01 -3.72 -7.01
O MSE B 8 -21.23 -4.59 -6.18
CB MSE B 8 -21.36 -4.06 -9.47
CG MSE B 8 -22.24 -3.98 -10.72
SE MSE B 8 -21.39 -4.55 -12.21
CE MSE B 8 -22.10 -6.20 -12.35
N GLN B 9 -19.96 -2.90 -6.96
CA GLN B 9 -18.94 -3.03 -5.90
C GLN B 9 -19.56 -2.89 -4.51
N GLN B 10 -20.42 -1.90 -4.34
CA GLN B 10 -21.11 -1.70 -3.07
C GLN B 10 -21.95 -2.92 -2.68
N GLN B 11 -22.55 -3.59 -3.66
CA GLN B 11 -23.26 -4.85 -3.39
C GLN B 11 -22.29 -5.95 -2.95
N TRP B 12 -21.18 -6.08 -3.66
CA TRP B 12 -20.17 -7.10 -3.30
C TRP B 12 -19.63 -6.87 -1.91
N SER B 13 -19.42 -5.60 -1.57
CA SER B 13 -18.93 -5.23 -0.25
C SER B 13 -19.93 -5.50 0.85
N ALA B 14 -21.20 -5.17 0.60
CA ALA B 14 -22.25 -5.42 1.59
C ALA B 14 -22.42 -6.92 1.84
N VAL B 15 -22.34 -7.72 0.78
CA VAL B 15 -22.50 -9.17 0.90
C VAL B 15 -21.32 -9.75 1.71
N ASP B 16 -20.11 -9.31 1.38
CA ASP B 16 -18.91 -9.72 2.14
C ASP B 16 -19.02 -9.33 3.61
N ASN B 17 -19.45 -8.10 3.88
CA ASN B 17 -19.56 -7.62 5.26
C ASN B 17 -20.52 -8.50 6.04
N TYR B 18 -21.64 -8.87 5.41
CA TYR B 18 -22.63 -9.74 6.05
C TYR B 18 -22.08 -11.13 6.34
N LEU B 19 -21.49 -11.75 5.31
CA LEU B 19 -21.00 -13.14 5.42
C LEU B 19 -19.88 -13.27 6.43
N ILE B 20 -18.93 -12.33 6.37
CA ILE B 20 -17.78 -12.33 7.29
C ILE B 20 -18.19 -12.10 8.74
N LYS B 21 -19.04 -11.11 8.97
CA LYS B 21 -19.56 -10.86 10.32
C LYS B 21 -20.33 -12.08 10.85
N ALA B 22 -21.09 -12.74 9.99
CA ALA B 22 -21.89 -13.91 10.38
C ALA B 22 -21.01 -15.12 10.69
N LEU B 23 -19.94 -15.31 9.90
CA LEU B 23 -19.21 -16.59 9.91
C LEU B 23 -17.88 -16.61 10.65
N ILE B 24 -17.16 -15.50 10.60
CA ILE B 24 -15.77 -15.48 11.03
C ILE B 24 -15.66 -14.62 12.30
N PRO B 25 -15.21 -15.23 13.41
CA PRO B 25 -15.06 -14.52 14.68
C PRO B 25 -14.10 -13.34 14.56
N GLY B 26 -14.41 -12.23 15.26
CA GLY B 26 -13.51 -11.08 15.33
C GLY B 26 -12.16 -11.49 15.88
N ASP B 27 -11.10 -10.91 15.35
CA ASP B 27 -9.73 -11.27 15.75
C ASP B 27 -8.88 -10.03 15.92
N PRO B 28 -8.77 -9.52 17.17
CA PRO B 28 -8.04 -8.28 17.46
C PRO B 28 -6.59 -8.32 16.98
N VAL B 29 -5.97 -9.50 17.02
CA VAL B 29 -4.58 -9.66 16.60
C VAL B 29 -4.42 -9.49 15.09
N LEU B 30 -5.27 -10.15 14.32
CA LEU B 30 -5.28 -9.96 12.88
C LEU B 30 -5.59 -8.53 12.48
N ASP B 31 -6.52 -7.89 13.22
CA ASP B 31 -6.81 -6.47 13.02
C ASP B 31 -5.51 -5.65 13.11
N ARG B 32 -4.74 -5.92 14.17
CA ARG B 32 -3.49 -5.22 14.43
C ARG B 32 -2.45 -5.49 13.35
N VAL B 33 -2.39 -6.73 12.85
CA VAL B 33 -1.47 -7.04 11.75
C VAL B 33 -1.75 -6.14 10.54
N LEU B 34 -3.04 -6.03 10.19
CA LEU B 34 -3.46 -5.21 9.05
C LEU B 34 -3.11 -3.74 9.30
N GLU B 35 -3.40 -3.25 10.51
CA GLU B 35 -3.04 -1.89 10.91
C GLU B 35 -1.53 -1.64 10.84
N ASN B 36 -0.74 -2.65 11.22
CA ASN B 36 0.72 -2.58 11.08
C ASN B 36 1.16 -2.48 9.62
N ASN B 37 0.53 -3.26 8.74
CA ASN B 37 0.85 -3.20 7.32
C ASN B 37 0.61 -1.81 6.72
N HIS B 38 -0.51 -1.22 7.08
CA HIS B 38 -0.88 0.12 6.61
C HIS B 38 0.10 1.18 7.13
N ARG B 39 0.50 1.05 8.40
CA ARG B 39 1.45 1.96 9.05
C ARG B 39 2.80 1.97 8.36
N ALA B 40 3.26 0.79 7.93
CA ALA B 40 4.48 0.66 7.18
C ALA B 40 4.35 1.11 5.72
N GLY B 41 3.14 1.48 5.30
CA GLY B 41 2.89 1.93 3.93
C GLY B 41 2.97 0.82 2.89
N LEU B 42 2.73 -0.42 3.31
CA LEU B 42 2.73 -1.53 2.37
C LEU B 42 1.59 -1.39 1.37
N PRO B 43 1.78 -1.90 0.13
CA PRO B 43 0.66 -1.98 -0.79
C PRO B 43 -0.43 -2.82 -0.16
N ALA B 44 -1.68 -2.37 -0.30
CA ALA B 44 -2.78 -3.06 0.36
C ALA B 44 -3.20 -4.30 -0.45
N HIS B 45 -2.32 -5.30 -0.50
CA HIS B 45 -2.59 -6.54 -1.25
C HIS B 45 -2.94 -7.71 -0.34
N ASP B 46 -3.34 -7.44 0.90
CA ASP B 46 -3.69 -8.51 1.84
C ASP B 46 -4.99 -9.18 1.39
N VAL B 47 -5.05 -10.50 1.54
CA VAL B 47 -6.30 -11.20 1.27
C VAL B 47 -7.41 -10.70 2.20
N ALA B 48 -8.66 -10.83 1.74
CA ALA B 48 -9.81 -10.58 2.60
C ALA B 48 -9.89 -11.67 3.67
N ALA B 49 -10.61 -11.41 4.76
CA ALA B 49 -10.69 -12.36 5.89
C ALA B 49 -11.34 -13.70 5.52
N ASN B 50 -12.37 -13.66 4.65
CA ASN B 50 -12.95 -14.89 4.11
C ASN B 50 -11.99 -15.69 3.24
N GLN B 51 -11.08 -15.00 2.54
CA GLN B 51 -10.05 -15.67 1.76
C GLN B 51 -9.01 -16.29 2.68
N GLY B 52 -8.64 -15.54 3.72
CA GLY B 52 -7.72 -16.07 4.75
C GLY B 52 -8.26 -17.34 5.41
N GLN B 53 -9.53 -17.30 5.81
CA GLN B 53 -10.19 -18.47 6.40
C GLN B 53 -10.24 -19.64 5.41
N PHE B 54 -10.45 -19.33 4.14
CA PHE B 54 -10.38 -20.36 3.10
C PHE B 54 -9.00 -21.06 3.08
N LEU B 55 -7.93 -20.27 3.06
CA LEU B 55 -6.56 -20.82 3.08
C LEU B 55 -6.35 -21.69 4.32
N ALA B 56 -6.86 -21.22 5.46
CA ALA B 56 -6.74 -21.98 6.71
C ALA B 56 -7.44 -23.34 6.60
N LEU B 57 -8.62 -23.36 5.99
CA LEU B 57 -9.33 -24.62 5.73
C LEU B 57 -8.55 -25.56 4.79
N LEU B 58 -7.87 -24.99 3.80
CA LEU B 58 -7.01 -25.79 2.91
C LEU B 58 -5.85 -26.47 3.66
N VAL B 59 -5.29 -25.77 4.65
CA VAL B 59 -4.28 -26.37 5.53
C VAL B 59 -4.87 -27.56 6.29
N ARG B 60 -6.10 -27.43 6.78
CA ARG B 60 -6.78 -28.51 7.49
C ARG B 60 -7.09 -29.66 6.54
N LEU B 61 -7.64 -29.33 5.38
CA LEU B 61 -7.96 -30.32 4.35
C LEU B 61 -6.74 -31.12 3.86
N THR B 62 -5.62 -30.46 3.59
CA THR B 62 -4.40 -31.17 3.20
C THR B 62 -3.68 -31.84 4.39
N GLN B 63 -4.15 -31.57 5.60
CA GLN B 63 -3.43 -32.00 6.82
C GLN B 63 -1.94 -31.62 6.70
N ALA B 64 -1.70 -30.39 6.26
CA ALA B 64 -0.35 -29.92 5.94
C ALA B 64 0.58 -29.88 7.13
N LYS B 65 1.80 -30.38 6.93
CA LYS B 65 2.88 -30.28 7.90
C LYS B 65 3.99 -29.38 7.36
N ARG B 66 4.03 -29.20 6.03
CA ARG B 66 5.01 -28.37 5.35
C ARG B 66 4.31 -27.50 4.32
N ILE B 67 4.47 -26.18 4.46
CA ILE B 67 3.82 -25.24 3.55
C ILE B 67 4.90 -24.35 2.92
N LEU B 68 4.76 -24.05 1.64
CA LEU B 68 5.62 -23.06 1.00
C LEU B 68 4.76 -21.90 0.52
N GLU B 69 5.14 -20.70 0.91
CA GLU B 69 4.46 -19.49 0.44
C GLU B 69 5.46 -18.62 -0.30
N ILE B 70 5.15 -18.28 -1.54
CA ILE B 70 6.02 -17.41 -2.33
C ILE B 70 5.38 -16.03 -2.40
N GLY B 71 5.93 -15.07 -1.64
CA GLY B 71 5.35 -13.73 -1.52
C GLY B 71 4.70 -13.49 -0.16
N THR B 72 5.51 -13.11 0.81
CA THR B 72 5.06 -12.87 2.20
C THR B 72 4.22 -11.62 2.41
N LEU B 73 4.60 -10.51 1.74
CA LEU B 73 4.07 -9.17 2.05
C LEU B 73 4.21 -8.86 3.56
N GLY B 74 3.10 -8.65 4.26
CA GLY B 74 3.11 -8.37 5.69
C GLY B 74 2.89 -9.59 6.57
N GLY B 75 2.73 -10.75 5.94
CA GLY B 75 2.52 -12.00 6.66
C GLY B 75 1.08 -12.31 7.04
N TYR B 76 0.12 -11.55 6.49
CA TYR B 76 -1.28 -11.72 6.87
C TYR B 76 -1.80 -13.11 6.49
N SER B 77 -1.62 -13.49 5.24
CA SER B 77 -1.99 -14.84 4.82
C SER B 77 -1.11 -15.90 5.50
N THR B 78 0.17 -15.58 5.73
CA THR B 78 1.10 -16.48 6.43
C THR B 78 0.53 -16.88 7.78
N ILE B 79 0.02 -15.88 8.53
CA ILE B 79 -0.60 -16.15 9.84
C ILE B 79 -1.84 -17.05 9.74
N TRP B 80 -2.76 -16.73 8.83
CA TRP B 80 -3.96 -17.56 8.65
C TRP B 80 -3.57 -19.03 8.47
N MSE B 81 -2.54 -19.29 7.68
CA MSE B 81 -2.09 -20.68 7.41
C MSE B 81 -1.31 -21.28 8.57
O MSE B 81 -1.58 -22.41 8.98
CB MSE B 81 -1.28 -20.77 6.12
CG MSE B 81 -2.13 -20.52 4.87
SE MSE B 81 -1.14 -20.78 3.21
CE MSE B 81 0.03 -19.20 3.27
N ALA B 82 -0.36 -20.51 9.10
CA ALA B 82 0.53 -21.01 10.15
C ALA B 82 -0.22 -21.39 11.43
N ARG B 83 -1.31 -20.70 11.73
CA ARG B 83 -2.13 -21.03 12.92
C ARG B 83 -2.70 -22.45 12.87
N GLU B 84 -2.80 -23.00 11.65
CA GLU B 84 -3.44 -24.32 11.48
C GLU B 84 -2.45 -25.48 11.46
N LEU B 85 -1.15 -25.18 11.56
CA LEU B 85 -0.13 -26.21 11.51
C LEU B 85 -0.05 -26.97 12.83
N PRO B 86 0.25 -28.28 12.77
CA PRO B 86 0.47 -29.05 13.99
C PRO B 86 1.83 -28.71 14.60
N ALA B 87 2.13 -29.31 15.76
CA ALA B 87 3.37 -29.05 16.49
C ALA B 87 4.64 -29.27 15.66
N ASP B 88 4.62 -30.29 14.80
CA ASP B 88 5.76 -30.60 13.94
C ASP B 88 5.68 -29.90 12.57
N GLY B 89 4.85 -28.88 12.47
CA GLY B 89 4.62 -28.18 11.22
C GLY B 89 5.62 -27.07 10.98
N GLN B 90 5.82 -26.73 9.71
CA GLN B 90 6.70 -25.63 9.33
C GLN B 90 6.18 -24.95 8.07
N LEU B 91 6.22 -23.62 8.08
CA LEU B 91 5.86 -22.82 6.91
C LEU B 91 7.11 -22.04 6.44
N LEU B 92 7.53 -22.28 5.20
CA LEU B 92 8.60 -21.52 4.58
C LEU B 92 7.97 -20.43 3.72
N THR B 93 8.33 -19.18 3.99
CA THR B 93 7.80 -18.07 3.20
C THR B 93 8.96 -17.24 2.64
N LEU B 94 8.81 -16.83 1.38
CA LEU B 94 9.87 -16.12 0.64
C LEU B 94 9.45 -14.70 0.32
N GLU B 95 10.30 -13.73 0.67
CA GLU B 95 9.97 -12.32 0.48
C GLU B 95 11.20 -11.56 -0.02
N ALA B 96 11.08 -10.97 -1.21
CA ALA B 96 12.24 -10.29 -1.81
C ALA B 96 12.50 -8.89 -1.23
N ASP B 97 11.44 -8.23 -0.76
CA ASP B 97 11.55 -6.84 -0.30
C ASP B 97 11.99 -6.76 1.16
N ALA B 98 13.11 -6.06 1.42
CA ALA B 98 13.64 -5.96 2.78
C ALA B 98 12.67 -5.32 3.76
N HIS B 99 12.01 -4.24 3.33
CA HIS B 99 11.04 -3.56 4.17
C HIS B 99 9.86 -4.47 4.48
N HIS B 100 9.33 -5.16 3.46
CA HIS B 100 8.21 -6.10 3.65
C HIS B 100 8.61 -7.20 4.62
N ALA B 101 9.77 -7.79 4.39
CA ALA B 101 10.27 -8.86 5.27
C ALA B 101 10.33 -8.42 6.74
N GLN B 102 10.74 -7.17 7.00
CA GLN B 102 10.85 -6.68 8.38
C GLN B 102 9.48 -6.49 9.07
N VAL B 103 8.51 -5.95 8.33
CA VAL B 103 7.15 -5.81 8.82
C VAL B 103 6.54 -7.19 9.09
N ALA B 104 6.77 -8.11 8.16
CA ALA B 104 6.25 -9.48 8.29
C ALA B 104 6.82 -10.16 9.53
N ARG B 105 8.13 -10.05 9.76
CA ARG B 105 8.72 -10.62 10.98
C ARG B 105 8.04 -10.09 12.24
N GLU B 106 7.80 -8.78 12.29
CA GLU B 106 7.10 -8.16 13.41
C GLU B 106 5.69 -8.73 13.60
N ASN B 107 4.97 -8.89 12.49
CA ASN B 107 3.62 -9.41 12.53
C ASN B 107 3.55 -10.88 12.95
N LEU B 108 4.47 -11.69 12.45
CA LEU B 108 4.54 -13.11 12.85
C LEU B 108 4.82 -13.23 14.34
N GLN B 109 5.72 -12.39 14.85
CA GLN B 109 6.04 -12.36 16.29
C GLN B 109 4.83 -11.91 17.12
N LEU B 110 4.19 -10.83 16.68
CA LEU B 110 2.97 -10.34 17.36
C LEU B 110 1.88 -11.42 17.47
N ALA B 111 1.66 -12.11 16.35
CA ALA B 111 0.61 -13.11 16.24
C ALA B 111 0.99 -14.40 16.98
N GLY B 112 2.24 -14.50 17.42
CA GLY B 112 2.69 -15.67 18.20
C GLY B 112 2.81 -16.92 17.37
N VAL B 113 3.18 -16.76 16.10
CA VAL B 113 3.39 -17.89 15.19
C VAL B 113 4.79 -17.96 14.58
N ASP B 114 5.69 -17.03 14.93
CA ASP B 114 7.01 -16.98 14.28
C ASP B 114 7.83 -18.27 14.42
N GLN B 115 7.63 -19.00 15.51
CA GLN B 115 8.31 -20.27 15.71
C GLN B 115 7.94 -21.32 14.65
N ARG B 116 6.75 -21.20 14.07
CA ARG B 116 6.28 -22.12 13.01
C ARG B 116 6.73 -21.68 11.61
N VAL B 117 7.28 -20.48 11.50
CA VAL B 117 7.56 -19.89 10.19
C VAL B 117 9.04 -19.62 10.00
N THR B 118 9.56 -20.04 8.86
CA THR B 118 10.89 -19.64 8.40
C THR B 118 10.71 -18.62 7.30
N LEU B 119 11.11 -17.37 7.54
CA LEU B 119 11.06 -16.36 6.48
C LEU B 119 12.45 -16.24 5.87
N ARG B 120 12.55 -16.52 4.57
CA ARG B 120 13.78 -16.35 3.82
C ARG B 120 13.71 -15.09 2.98
N GLU B 121 14.59 -14.15 3.30
CA GLU B 121 14.62 -12.88 2.61
C GLU B 121 15.60 -12.96 1.45
N GLY B 122 15.17 -12.49 0.28
CA GLY B 122 16.00 -12.48 -0.90
C GLY B 122 15.15 -12.76 -2.13
N PRO B 123 15.78 -12.73 -3.32
CA PRO B 123 15.03 -13.09 -4.51
C PRO B 123 14.47 -14.50 -4.35
N ALA B 124 13.18 -14.65 -4.60
CA ALA B 124 12.50 -15.94 -4.45
C ALA B 124 13.16 -17.08 -5.24
N LEU B 125 13.47 -16.83 -6.52
CA LEU B 125 14.11 -17.85 -7.35
C LEU B 125 15.43 -18.33 -6.80
N GLN B 126 16.24 -17.40 -6.29
CA GLN B 126 17.51 -17.75 -5.65
C GLN B 126 17.29 -18.66 -4.44
N SER B 127 16.31 -18.30 -3.59
CA SER B 127 15.95 -19.11 -2.43
C SER B 127 15.48 -20.51 -2.81
N LEU B 128 14.63 -20.59 -3.84
CA LEU B 128 14.16 -21.88 -4.34
C LEU B 128 15.30 -22.71 -4.91
N GLU B 129 16.22 -22.05 -5.61
CA GLU B 129 17.45 -22.68 -6.09
C GLU B 129 18.32 -23.21 -4.95
N SER B 130 18.19 -22.63 -3.76
CA SER B 130 19.02 -22.97 -2.59
C SER B 130 18.56 -24.16 -1.77
N LEU B 131 17.32 -24.59 -1.98
CA LEU B 131 16.70 -25.60 -1.11
C LEU B 131 17.39 -26.98 -1.11
N GLY B 132 17.89 -27.40 -2.26
CA GLY B 132 18.46 -28.76 -2.38
C GLY B 132 17.44 -29.84 -2.11
N GLU B 133 17.86 -30.89 -1.39
CA GLU B 133 17.06 -32.11 -1.27
C GLU B 133 16.15 -32.13 -0.02
N CYS B 134 15.26 -31.16 0.09
CA CYS B 134 14.32 -31.12 1.22
C CYS B 134 13.05 -31.92 0.93
N PRO B 135 12.29 -32.28 1.99
CA PRO B 135 11.01 -32.95 1.71
C PRO B 135 10.04 -32.06 0.92
N ALA B 136 9.07 -32.72 0.29
CA ALA B 136 8.01 -32.02 -0.44
C ALA B 136 7.17 -31.14 0.49
N PHE B 137 6.50 -30.15 -0.11
CA PHE B 137 5.49 -29.38 0.62
C PHE B 137 4.10 -29.93 0.36
N ASP B 138 3.23 -29.82 1.36
CA ASP B 138 1.85 -30.31 1.30
C ASP B 138 0.93 -29.28 0.67
N LEU B 139 1.25 -28.01 0.87
CA LEU B 139 0.49 -26.90 0.32
C LEU B 139 1.45 -25.84 -0.14
N ILE B 140 1.19 -25.29 -1.32
CA ILE B 140 2.03 -24.29 -1.92
C ILE B 140 1.17 -23.11 -2.37
N PHE B 141 1.54 -21.92 -1.92
CA PHE B 141 0.76 -20.74 -2.21
C PHE B 141 1.64 -19.77 -3.00
N ILE B 142 1.20 -19.47 -4.23
CA ILE B 142 1.93 -18.55 -5.10
C ILE B 142 1.16 -17.23 -5.24
N ASP B 143 1.75 -16.16 -4.70
CA ASP B 143 1.25 -14.79 -4.89
C ASP B 143 2.41 -13.79 -4.73
N ALA B 144 3.28 -13.77 -5.73
CA ALA B 144 4.43 -12.86 -5.73
C ALA B 144 4.48 -12.09 -7.05
N ASP B 145 5.66 -11.97 -7.64
CA ASP B 145 5.82 -11.26 -8.92
C ASP B 145 5.38 -12.14 -10.08
N LYS B 146 4.25 -11.76 -10.67
CA LYS B 146 3.59 -12.53 -11.74
C LYS B 146 4.48 -12.88 -12.95
N PRO B 147 5.39 -11.98 -13.37
CA PRO B 147 6.29 -12.35 -14.46
C PRO B 147 7.04 -13.67 -14.23
N ASN B 148 7.33 -13.99 -12.98
CA ASN B 148 8.08 -15.20 -12.64
C ASN B 148 7.22 -16.43 -12.30
N ASN B 149 5.90 -16.28 -12.40
CA ASN B 149 4.97 -17.38 -12.12
C ASN B 149 5.32 -18.73 -12.77
N PRO B 150 5.58 -18.76 -14.10
CA PRO B 150 5.93 -20.05 -14.72
C PRO B 150 7.12 -20.77 -14.06
N HIS B 151 8.11 -20.00 -13.61
CA HIS B 151 9.29 -20.56 -12.94
C HIS B 151 8.95 -21.07 -11.54
N TYR B 152 8.10 -20.32 -10.84
CA TYR B 152 7.62 -20.72 -9.52
C TYR B 152 6.85 -22.03 -9.57
N LEU B 153 6.06 -22.22 -10.63
CA LEU B 153 5.32 -23.46 -10.82
C LEU B 153 6.23 -24.67 -11.05
N ARG B 154 7.30 -24.49 -11.83
CA ARG B 154 8.29 -25.54 -12.05
C ARG B 154 8.93 -26.01 -10.73
N TRP B 155 9.26 -25.04 -9.89
CA TRP B 155 9.80 -25.32 -8.56
C TRP B 155 8.77 -25.96 -7.66
N ALA B 156 7.55 -25.44 -7.69
CA ALA B 156 6.44 -26.03 -6.91
C ALA B 156 6.26 -27.51 -7.25
N LEU B 157 6.26 -27.82 -8.54
CA LEU B 157 6.19 -29.22 -8.99
C LEU B 157 7.36 -30.05 -8.48
N ARG B 158 8.55 -29.46 -8.48
CA ARG B 158 9.76 -30.13 -8.01
C ARG B 158 9.60 -30.53 -6.54
N TYR B 159 9.04 -29.62 -5.75
CA TYR B 159 8.87 -29.88 -4.32
C TYR B 159 7.44 -30.29 -3.93
N SER B 160 6.80 -31.04 -4.83
CA SER B 160 5.48 -31.58 -4.57
C SER B 160 5.51 -33.07 -4.27
N ARG B 161 4.44 -33.55 -3.65
CA ARG B 161 4.14 -34.98 -3.54
C ARG B 161 2.72 -35.21 -4.08
N PRO B 162 2.34 -36.48 -4.37
CA PRO B 162 0.97 -36.72 -4.81
C PRO B 162 -0.01 -36.25 -3.76
N GLY B 163 -0.93 -35.36 -4.13
CA GLY B 163 -1.88 -34.84 -3.17
C GLY B 163 -1.53 -33.42 -2.72
N THR B 164 -0.35 -32.94 -3.09
CA THR B 164 0.02 -31.54 -2.83
C THR B 164 -0.99 -30.63 -3.52
N LEU B 165 -1.39 -29.57 -2.83
CA LEU B 165 -2.28 -28.57 -3.41
C LEU B 165 -1.47 -27.32 -3.74
N ILE B 166 -1.60 -26.84 -4.96
CA ILE B 166 -0.93 -25.59 -5.39
C ILE B 166 -1.99 -24.52 -5.67
N ILE B 167 -1.83 -23.37 -5.00
CA ILE B 167 -2.77 -22.26 -5.12
C ILE B 167 -2.04 -21.07 -5.74
N GLY B 168 -2.61 -20.53 -6.81
CA GLY B 168 -2.08 -19.31 -7.44
C GLY B 168 -3.11 -18.21 -7.33
N ASP B 169 -2.80 -17.17 -6.55
CA ASP B 169 -3.74 -16.08 -6.30
C ASP B 169 -3.59 -14.95 -7.34
N ASN B 170 -4.64 -14.13 -7.47
CA ASN B 170 -4.67 -12.93 -8.32
C ASN B 170 -4.30 -13.16 -9.80
N VAL B 171 -5.07 -14.02 -10.45
CA VAL B 171 -4.79 -14.42 -11.83
C VAL B 171 -5.65 -13.71 -12.89
N VAL B 172 -6.64 -12.96 -12.44
CA VAL B 172 -7.59 -12.33 -13.36
C VAL B 172 -7.09 -11.03 -14.01
N ARG B 173 -6.25 -10.29 -13.28
CA ARG B 173 -5.61 -9.06 -13.80
C ARG B 173 -6.65 -8.11 -14.41
N ASP B 174 -7.75 -7.98 -13.68
CA ASP B 174 -8.96 -7.26 -14.10
C ASP B 174 -9.39 -7.47 -15.56
N GLY B 175 -9.50 -8.73 -15.95
CA GLY B 175 -10.00 -9.09 -17.28
C GLY B 175 -8.94 -9.19 -18.35
N GLU B 176 -7.78 -8.59 -18.11
CA GLU B 176 -6.71 -8.52 -19.10
C GLU B 176 -6.01 -9.86 -19.32
N VAL B 177 -6.30 -10.84 -18.46
CA VAL B 177 -5.74 -12.18 -18.60
C VAL B 177 -6.17 -12.87 -19.91
N VAL B 178 -7.25 -12.38 -20.50
CA VAL B 178 -7.79 -12.94 -21.76
C VAL B 178 -7.04 -12.45 -23.02
N ASN B 179 -6.34 -11.32 -22.91
CA ASN B 179 -5.62 -10.70 -24.04
C ASN B 179 -4.41 -11.47 -24.56
N PRO B 180 -4.48 -11.96 -25.82
CA PRO B 180 -3.43 -12.78 -26.43
C PRO B 180 -2.11 -12.03 -26.63
N GLN B 181 -2.19 -10.70 -26.73
CA GLN B 181 -1.01 -9.86 -26.86
C GLN B 181 -1.15 -8.54 -26.07
N SER B 182 -0.92 -8.63 -24.77
CA SER B 182 -0.84 -7.46 -23.90
C SER B 182 0.63 -7.10 -23.66
N ALA B 183 0.86 -5.82 -23.34
CA ALA B 183 2.21 -5.31 -23.09
C ALA B 183 2.64 -5.49 -21.64
N ASP B 184 1.70 -5.90 -20.80
CA ASP B 184 1.95 -6.12 -19.37
C ASP B 184 2.66 -7.46 -19.16
N GLU B 185 3.85 -7.39 -18.55
CA GLU B 185 4.62 -8.59 -18.18
C GLU B 185 3.93 -9.44 -17.12
N ARG B 186 3.12 -8.80 -16.27
CA ARG B 186 2.36 -9.51 -15.25
C ARG B 186 1.31 -10.40 -15.90
N VAL B 187 0.57 -9.82 -16.86
CA VAL B 187 -0.44 -10.57 -17.61
C VAL B 187 0.15 -11.74 -18.39
N GLN B 188 1.27 -11.51 -19.09
CA GLN B 188 1.89 -12.58 -19.88
C GLN B 188 2.51 -13.67 -19.01
N GLY B 189 2.96 -13.29 -17.82
CA GLY B 189 3.44 -14.26 -16.83
C GLY B 189 2.32 -15.16 -16.35
N VAL B 190 1.18 -14.56 -16.02
CA VAL B 190 0.00 -15.30 -15.56
C VAL B 190 -0.54 -16.22 -16.67
N ARG B 191 -0.52 -15.73 -17.91
CA ARG B 191 -0.97 -16.53 -19.05
C ARG B 191 -0.10 -17.76 -19.29
N GLN B 192 1.23 -17.59 -19.22
CA GLN B 192 2.16 -18.72 -19.33
C GLN B 192 1.97 -19.72 -18.18
N PHE B 193 1.70 -19.18 -17.00
CA PHE B 193 1.46 -19.95 -15.76
C PHE B 193 0.22 -20.84 -15.92
N ILE B 194 -0.89 -20.23 -16.33
CA ILE B 194 -2.14 -20.94 -16.56
C ILE B 194 -1.99 -21.99 -17.67
N GLU B 195 -1.44 -21.58 -18.80
CA GLU B 195 -1.28 -22.52 -19.92
C GLU B 195 -0.27 -23.63 -19.62
N MSE B 196 0.75 -23.31 -18.84
CA MSE B 196 1.68 -24.33 -18.33
C MSE B 196 0.97 -25.30 -17.38
O MSE B 196 1.21 -26.51 -17.42
CB MSE B 196 2.85 -23.65 -17.61
CG MSE B 196 4.01 -24.56 -17.33
SE MSE B 196 5.21 -23.84 -15.95
CE MSE B 196 5.64 -25.56 -15.09
N MSE B 197 0.09 -24.76 -16.53
CA MSE B 197 -0.67 -25.57 -15.59
C MSE B 197 -1.59 -26.56 -16.32
O MSE B 197 -1.60 -27.75 -16.00
CB MSE B 197 -1.48 -24.66 -14.67
CG MSE B 197 -2.28 -25.36 -13.59
SE MSE B 197 -2.99 -24.03 -12.35
CE MSE B 197 -1.29 -23.53 -11.55
N GLY B 198 -2.33 -26.05 -17.30
CA GLY B 198 -3.24 -26.87 -18.10
C GLY B 198 -2.57 -27.95 -18.93
N ALA B 199 -1.31 -27.73 -19.30
CA ALA B 199 -0.56 -28.67 -20.15
C ALA B 199 0.13 -29.76 -19.34
N GLU B 200 0.22 -29.56 -18.02
CA GLU B 200 0.92 -30.51 -17.15
C GLU B 200 0.00 -31.62 -16.66
N PRO B 201 0.23 -32.87 -17.10
CA PRO B 201 -0.62 -33.99 -16.70
C PRO B 201 -0.46 -34.40 -15.23
N ARG B 202 0.63 -33.95 -14.60
CA ARG B 202 0.80 -34.18 -13.16
C ARG B 202 -0.11 -33.29 -12.32
N LEU B 203 -0.81 -32.36 -12.96
CA LEU B 203 -1.74 -31.47 -12.28
C LEU B 203 -3.17 -31.64 -12.77
N THR B 204 -4.11 -31.68 -11.83
CA THR B 204 -5.52 -31.50 -12.13
C THR B 204 -5.94 -30.16 -11.54
N ALA B 205 -6.25 -29.21 -12.42
CA ALA B 205 -6.46 -27.84 -12.04
C ALA B 205 -7.86 -27.30 -12.34
N THR B 206 -8.23 -26.27 -11.60
CA THR B 206 -9.38 -25.44 -11.90
C THR B 206 -9.06 -24.02 -11.48
N ALA B 207 -9.99 -23.11 -11.74
CA ALA B 207 -9.84 -21.72 -11.31
C ALA B 207 -11.23 -21.15 -11.04
N LEU B 208 -11.31 -20.26 -10.06
CA LEU B 208 -12.55 -19.58 -9.74
C LEU B 208 -12.34 -18.09 -9.73
N GLN B 209 -13.24 -17.36 -10.38
CA GLN B 209 -13.25 -15.91 -10.27
C GLN B 209 -14.01 -15.56 -9.00
N THR B 210 -13.53 -14.55 -8.29
CA THR B 210 -14.17 -14.11 -7.05
C THR B 210 -14.45 -12.61 -7.07
N VAL B 211 -15.46 -12.21 -6.29
CA VAL B 211 -15.69 -10.80 -5.99
C VAL B 211 -15.85 -10.64 -4.47
N GLY B 212 -15.86 -9.39 -4.03
CA GLY B 212 -16.06 -9.06 -2.63
C GLY B 212 -15.47 -7.69 -2.37
N THR B 213 -15.05 -7.43 -1.13
CA THR B 213 -14.46 -6.12 -0.79
C THR B 213 -13.18 -5.80 -1.57
N LYS B 214 -12.46 -6.84 -2.02
CA LYS B 214 -11.23 -6.62 -2.79
C LYS B 214 -11.48 -6.46 -4.29
N GLY B 215 -12.75 -6.44 -4.68
CA GLY B 215 -13.11 -6.31 -6.09
C GLY B 215 -13.04 -7.63 -6.82
N TRP B 216 -12.98 -7.53 -8.15
CA TRP B 216 -13.00 -8.69 -9.03
C TRP B 216 -11.61 -9.26 -9.29
N ASP B 217 -11.45 -10.54 -8.93
CA ASP B 217 -10.21 -11.26 -9.12
C ASP B 217 -10.51 -12.76 -9.19
N GLY B 218 -9.48 -13.59 -9.02
CA GLY B 218 -9.62 -15.03 -9.09
C GLY B 218 -8.34 -15.75 -8.77
N PHE B 219 -8.45 -17.05 -8.53
CA PHE B 219 -7.32 -17.89 -8.16
C PHE B 219 -7.39 -19.25 -8.84
N THR B 220 -6.25 -19.91 -8.94
CA THR B 220 -6.17 -21.26 -9.46
C THR B 220 -5.94 -22.22 -8.29
N LEU B 221 -6.39 -23.45 -8.47
CA LEU B 221 -6.25 -24.50 -7.48
C LEU B 221 -5.87 -25.75 -8.26
N ALA B 222 -4.75 -26.36 -7.90
CA ALA B 222 -4.22 -27.51 -8.62
C ALA B 222 -3.79 -28.60 -7.66
N TRP B 223 -4.26 -29.82 -7.94
CA TRP B 223 -3.92 -31.02 -7.20
C TRP B 223 -2.82 -31.74 -7.96
N VAL B 224 -1.77 -32.14 -7.25
CA VAL B 224 -0.65 -32.87 -7.84
C VAL B 224 -0.97 -34.37 -7.90
N ASN B 225 -0.94 -34.91 -9.12
CA ASN B 225 -1.27 -36.32 -9.37
C ASN B 225 -0.10 -37.26 -9.12
N ALA B 226 -0.43 -38.50 -8.73
CA ALA B 226 0.56 -39.58 -8.53
C ALA B 226 0.94 -40.24 -9.86
#